data_1G26
#
_entry.id   1G26
#
_cell.length_a   1.000
_cell.length_b   1.000
_cell.length_c   1.000
_cell.angle_alpha   90.00
_cell.angle_beta   90.00
_cell.angle_gamma   90.00
#
_symmetry.space_group_name_H-M   'P 1'
#
_entity_poly.entity_id   1
_entity_poly.type   'polypeptide(L)'
_entity_poly.pdbx_seq_one_letter_code
;VVHCDMEVICPDGYTCCRLPSGAWGCCPFTQ
;
_entity_poly.pdbx_strand_id   A
#
# COMPACT_ATOMS: atom_id res chain seq x y z
N VAL A 1 5.62 -10.35 2.50
CA VAL A 1 4.93 -9.04 2.44
C VAL A 1 5.79 -8.01 1.69
N VAL A 2 5.17 -7.08 1.02
CA VAL A 2 5.96 -6.05 0.28
C VAL A 2 6.04 -4.76 1.10
N HIS A 3 6.97 -4.69 2.03
CA HIS A 3 7.09 -3.47 2.86
C HIS A 3 7.18 -2.22 1.97
N CYS A 4 6.07 -1.63 1.65
CA CYS A 4 6.09 -0.41 0.79
C CYS A 4 6.90 0.69 1.48
N ASP A 5 7.07 0.59 2.77
CA ASP A 5 7.86 1.62 3.51
C ASP A 5 7.87 1.28 5.01
N MET A 6 8.35 2.18 5.83
CA MET A 6 8.39 1.89 7.29
C MET A 6 7.11 2.40 7.96
N GLU A 7 6.11 2.72 7.19
CA GLU A 7 4.83 3.21 7.78
C GLU A 7 3.65 2.39 7.25
N VAL A 8 3.92 1.39 6.46
CA VAL A 8 2.82 0.56 5.90
C VAL A 8 3.39 -0.70 5.24
N ILE A 9 2.62 -1.74 5.17
CA ILE A 9 3.12 -2.99 4.52
C ILE A 9 1.97 -3.71 3.81
N CYS A 10 2.13 -4.00 2.55
CA CYS A 10 1.04 -4.70 1.80
C CYS A 10 1.60 -5.94 1.09
N PRO A 11 0.86 -7.01 1.16
CA PRO A 11 1.29 -8.27 0.52
C PRO A 11 1.14 -8.17 -1.00
N ASP A 12 1.93 -8.91 -1.72
CA ASP A 12 1.88 -8.88 -3.21
C ASP A 12 0.44 -8.75 -3.72
N GLY A 13 -0.47 -9.48 -3.15
CA GLY A 13 -1.88 -9.42 -3.60
C GLY A 13 -2.49 -8.02 -3.40
N TYR A 14 -1.78 -7.10 -2.82
CA TYR A 14 -2.37 -5.75 -2.60
C TYR A 14 -1.51 -4.65 -3.22
N THR A 15 -2.12 -3.55 -3.57
CA THR A 15 -1.34 -2.42 -4.17
C THR A 15 -1.21 -1.27 -3.16
N CYS A 16 -0.05 -0.68 -3.07
CA CYS A 16 0.14 0.43 -2.10
C CYS A 16 -0.18 1.77 -2.76
N CYS A 17 -0.78 2.67 -2.03
CA CYS A 17 -1.12 4.00 -2.62
C CYS A 17 -0.77 5.12 -1.63
N ARG A 18 -0.41 6.27 -2.11
CA ARG A 18 -0.06 7.38 -1.19
C ARG A 18 -1.20 8.40 -1.12
N LEU A 19 -1.62 8.76 0.06
CA LEU A 19 -2.74 9.74 0.18
C LEU A 19 -2.26 11.13 -0.26
N PRO A 20 -3.21 12.01 -0.42
CA PRO A 20 -2.89 13.39 -0.84
C PRO A 20 -2.27 14.19 0.32
N SER A 21 -2.08 13.57 1.45
CA SER A 21 -1.48 14.29 2.60
C SER A 21 -0.21 13.59 3.07
N GLY A 22 0.53 13.00 2.18
CA GLY A 22 1.79 12.30 2.57
C GLY A 22 1.44 11.06 3.39
N ALA A 23 0.31 10.46 3.14
CA ALA A 23 -0.07 9.24 3.91
C ALA A 23 0.03 8.00 3.02
N TRP A 24 -0.39 6.87 3.52
CA TRP A 24 -0.31 5.62 2.71
C TRP A 24 -1.59 4.80 2.88
N GLY A 25 -1.98 4.09 1.85
CA GLY A 25 -3.23 3.27 1.95
C GLY A 25 -3.02 1.98 1.16
N CYS A 26 -3.75 0.94 1.49
CA CYS A 26 -3.59 -0.35 0.75
C CYS A 26 -4.90 -0.73 0.05
N CYS A 27 -4.82 -1.16 -1.18
CA CYS A 27 -6.05 -1.56 -1.91
C CYS A 27 -5.79 -2.82 -2.74
N PRO A 28 -6.60 -3.82 -2.52
CA PRO A 28 -6.44 -5.09 -3.26
C PRO A 28 -6.90 -4.92 -4.71
N PHE A 29 -6.55 -5.85 -5.57
CA PHE A 29 -6.97 -5.74 -7.00
C PHE A 29 -7.82 -6.95 -7.39
N THR A 30 -8.76 -7.32 -6.56
CA THR A 30 -9.62 -8.49 -6.90
C THR A 30 -11.02 -8.02 -7.29
N GLN A 31 -11.22 -7.68 -8.53
CA GLN A 31 -12.56 -7.21 -8.97
C GLN A 31 -13.18 -8.23 -9.93
N VAL A 1 6.67 -10.42 3.32
CA VAL A 1 5.72 -9.60 2.50
C VAL A 1 6.51 -8.59 1.66
N VAL A 2 5.85 -7.57 1.18
CA VAL A 2 6.57 -6.55 0.36
C VAL A 2 6.64 -5.23 1.11
N HIS A 3 7.57 -5.10 2.01
CA HIS A 3 7.70 -3.82 2.78
C HIS A 3 7.54 -2.63 1.85
N CYS A 4 6.65 -1.74 2.15
CA CYS A 4 6.47 -0.54 1.28
C CYS A 4 7.14 0.68 1.91
N ASP A 5 7.04 0.82 3.21
CA ASP A 5 7.69 1.98 3.88
C ASP A 5 8.19 1.57 5.26
N MET A 6 8.54 2.52 6.09
CA MET A 6 9.04 2.18 7.45
C MET A 6 7.95 1.44 8.24
N GLU A 7 6.76 1.97 8.27
CA GLU A 7 5.66 1.30 9.03
C GLU A 7 4.45 1.09 8.12
N VAL A 8 4.61 0.34 7.06
CA VAL A 8 3.46 0.10 6.14
C VAL A 8 3.81 -1.05 5.18
N ILE A 9 3.04 -2.11 5.21
CA ILE A 9 3.33 -3.26 4.30
C ILE A 9 2.05 -3.72 3.58
N CYS A 10 2.21 -4.46 2.51
CA CYS A 10 1.01 -4.94 1.76
C CYS A 10 1.20 -6.42 1.39
N PRO A 11 0.16 -7.19 1.57
CA PRO A 11 0.23 -8.64 1.27
C PRO A 11 0.28 -8.90 -0.25
N ASP A 12 1.22 -8.29 -0.93
CA ASP A 12 1.37 -8.50 -2.40
C ASP A 12 0.06 -8.23 -3.16
N GLY A 13 -0.86 -9.15 -3.11
CA GLY A 13 -2.16 -8.97 -3.83
C GLY A 13 -2.62 -7.52 -3.77
N TYR A 14 -2.25 -6.81 -2.73
CA TYR A 14 -2.68 -5.39 -2.61
C TYR A 14 -1.62 -4.45 -3.23
N THR A 15 -2.00 -3.25 -3.53
CA THR A 15 -1.03 -2.28 -4.13
C THR A 15 -0.87 -1.07 -3.22
N CYS A 16 0.31 -0.51 -3.15
CA CYS A 16 0.53 0.68 -2.28
C CYS A 16 0.04 1.95 -2.98
N CYS A 17 -0.58 2.83 -2.25
CA CYS A 17 -1.07 4.10 -2.88
C CYS A 17 -1.03 5.24 -1.86
N ARG A 18 -0.25 6.26 -2.12
CA ARG A 18 -0.17 7.40 -1.17
C ARG A 18 -1.46 8.22 -1.22
N LEU A 19 -1.83 8.83 -0.13
CA LEU A 19 -3.08 9.64 -0.12
C LEU A 19 -2.79 11.09 -0.52
N PRO A 20 -3.84 11.83 -0.73
CA PRO A 20 -3.70 13.25 -1.13
C PRO A 20 -3.26 14.09 0.07
N SER A 21 -3.14 13.49 1.22
CA SER A 21 -2.70 14.25 2.42
C SER A 21 -1.28 13.83 2.82
N GLY A 22 -0.52 13.35 1.87
CA GLY A 22 0.88 12.92 2.19
C GLY A 22 0.85 11.71 3.11
N ALA A 23 0.11 10.69 2.76
CA ALA A 23 0.05 9.47 3.62
C ALA A 23 0.14 8.21 2.76
N TRP A 24 -0.03 7.06 3.35
CA TRP A 24 0.03 5.80 2.57
C TRP A 24 -1.28 5.03 2.69
N GLY A 25 -1.65 4.31 1.66
CA GLY A 25 -2.92 3.53 1.71
C GLY A 25 -2.81 2.32 0.77
N CYS A 26 -3.05 1.14 1.29
CA CYS A 26 -2.96 -0.08 0.43
C CYS A 26 -4.36 -0.46 -0.06
N CYS A 27 -4.50 -0.69 -1.34
CA CYS A 27 -5.85 -1.06 -1.88
C CYS A 27 -5.76 -2.35 -2.69
N PRO A 28 -6.86 -3.05 -2.74
CA PRO A 28 -6.93 -4.32 -3.50
C PRO A 28 -6.94 -4.05 -5.01
N PHE A 29 -6.44 -4.96 -5.79
CA PHE A 29 -6.42 -4.75 -7.26
C PHE A 29 -7.21 -5.85 -7.98
N THR A 30 -7.80 -5.54 -9.09
CA THR A 30 -8.59 -6.56 -9.84
C THR A 30 -8.29 -6.47 -11.34
N GLN A 31 -7.21 -7.05 -11.78
CA GLN A 31 -6.87 -6.98 -13.23
C GLN A 31 -6.43 -8.35 -13.74
N VAL A 1 5.93 -8.54 3.32
CA VAL A 1 6.37 -8.99 1.97
C VAL A 1 6.86 -7.79 1.15
N VAL A 2 5.97 -6.95 0.71
CA VAL A 2 6.38 -5.75 -0.08
C VAL A 2 6.49 -4.53 0.83
N HIS A 3 7.48 -4.49 1.66
CA HIS A 3 7.64 -3.32 2.59
C HIS A 3 7.45 -2.00 1.84
N CYS A 4 6.34 -1.35 2.05
CA CYS A 4 6.10 -0.05 1.36
C CYS A 4 6.65 1.09 2.21
N ASP A 5 6.75 0.89 3.50
CA ASP A 5 7.29 1.96 4.38
C ASP A 5 7.82 1.33 5.67
N MET A 6 7.59 1.95 6.80
CA MET A 6 8.09 1.38 8.08
C MET A 6 7.16 0.27 8.56
N GLU A 7 5.89 0.52 8.60
CA GLU A 7 4.92 -0.52 9.06
C GLU A 7 3.87 -0.77 7.98
N VAL A 8 3.94 -0.05 6.89
CA VAL A 8 2.94 -0.26 5.80
C VAL A 8 3.43 -1.32 4.81
N ILE A 9 3.36 -2.56 5.19
CA ILE A 9 3.83 -3.64 4.25
C ILE A 9 2.63 -4.47 3.78
N CYS A 10 2.48 -4.62 2.50
CA CYS A 10 1.33 -5.41 1.96
C CYS A 10 1.83 -6.73 1.35
N PRO A 11 0.95 -7.68 1.26
CA PRO A 11 1.32 -9.00 0.69
C PRO A 11 1.28 -8.96 -0.85
N ASP A 12 1.78 -7.90 -1.43
CA ASP A 12 1.78 -7.80 -2.93
C ASP A 12 0.34 -7.73 -3.47
N GLY A 13 -0.47 -8.72 -3.17
CA GLY A 13 -1.86 -8.71 -3.68
C GLY A 13 -2.48 -7.32 -3.51
N TYR A 14 -2.00 -6.54 -2.60
CA TYR A 14 -2.58 -5.17 -2.39
C TYR A 14 -1.76 -4.12 -3.15
N THR A 15 -2.32 -2.96 -3.33
CA THR A 15 -1.57 -1.88 -4.04
C THR A 15 -1.29 -0.74 -3.06
N CYS A 16 -0.07 -0.29 -3.02
CA CYS A 16 0.29 0.82 -2.08
C CYS A 16 0.11 2.17 -2.76
N CYS A 17 -0.95 2.87 -2.46
CA CYS A 17 -1.18 4.19 -3.09
C CYS A 17 -1.06 5.30 -2.03
N ARG A 18 -0.42 6.38 -2.37
CA ARG A 18 -0.28 7.48 -1.37
C ARG A 18 -1.42 8.49 -1.54
N LEU A 19 -2.05 8.86 -0.46
CA LEU A 19 -3.18 9.84 -0.55
C LEU A 19 -2.65 11.21 -0.97
N PRO A 20 -3.56 12.06 -1.36
CA PRO A 20 -3.18 13.43 -1.79
C PRO A 20 -2.70 14.25 -0.59
N SER A 21 -2.80 13.70 0.59
CA SER A 21 -2.35 14.44 1.80
C SER A 21 -0.98 13.94 2.26
N GLY A 22 -0.21 13.42 1.34
CA GLY A 22 1.14 12.91 1.71
C GLY A 22 1.00 11.70 2.65
N ALA A 23 -0.10 10.98 2.54
CA ALA A 23 -0.29 9.80 3.41
C ALA A 23 -0.18 8.50 2.60
N TRP A 24 -0.15 7.38 3.25
CA TRP A 24 -0.05 6.09 2.52
C TRP A 24 -1.37 5.31 2.65
N GLY A 25 -1.69 4.51 1.68
CA GLY A 25 -2.96 3.72 1.76
C GLY A 25 -2.84 2.43 0.97
N CYS A 26 -2.78 1.31 1.64
CA CYS A 26 -2.67 0.01 0.93
C CYS A 26 -4.06 -0.59 0.73
N CYS A 27 -4.50 -0.74 -0.49
CA CYS A 27 -5.86 -1.30 -0.73
C CYS A 27 -5.79 -2.44 -1.76
N PRO A 28 -6.74 -3.33 -1.65
CA PRO A 28 -6.80 -4.49 -2.57
C PRO A 28 -7.28 -4.03 -3.96
N PHE A 29 -6.83 -4.69 -4.99
CA PHE A 29 -7.26 -4.29 -6.37
C PHE A 29 -7.35 -5.51 -7.28
N THR A 30 -8.19 -6.46 -6.93
CA THR A 30 -8.33 -7.68 -7.77
C THR A 30 -9.74 -7.76 -8.36
N GLN A 31 -10.07 -6.89 -9.27
CA GLN A 31 -11.43 -6.92 -9.88
C GLN A 31 -11.49 -5.98 -11.08
N VAL A 1 6.80 -9.87 1.35
CA VAL A 1 5.69 -8.88 1.34
C VAL A 1 6.11 -7.62 0.58
N VAL A 2 5.25 -6.64 0.49
CA VAL A 2 5.61 -5.39 -0.23
C VAL A 2 5.83 -4.25 0.76
N HIS A 3 7.06 -3.94 1.06
CA HIS A 3 7.34 -2.82 2.03
C HIS A 3 7.26 -1.48 1.31
N CYS A 4 6.10 -0.88 1.27
CA CYS A 4 5.96 0.44 0.58
C CYS A 4 6.34 1.58 1.54
N ASP A 5 6.81 1.25 2.72
CA ASP A 5 7.20 2.33 3.68
C ASP A 5 7.95 1.72 4.86
N MET A 6 8.12 2.48 5.91
CA MET A 6 8.86 1.96 7.10
C MET A 6 7.87 1.45 8.16
N GLU A 7 6.69 1.98 8.19
CA GLU A 7 5.70 1.52 9.21
C GLU A 7 4.58 0.70 8.55
N VAL A 8 4.01 1.17 7.47
CA VAL A 8 2.93 0.41 6.80
C VAL A 8 3.51 -0.53 5.75
N ILE A 9 3.01 -1.75 5.68
CA ILE A 9 3.54 -2.71 4.66
C ILE A 9 2.44 -3.70 4.26
N CYS A 10 2.25 -3.91 2.99
CA CYS A 10 1.19 -4.86 2.53
C CYS A 10 1.82 -5.95 1.66
N PRO A 11 1.09 -7.02 1.49
CA PRO A 11 1.59 -8.14 0.65
C PRO A 11 1.32 -7.86 -0.83
N ASP A 12 1.82 -8.71 -1.70
CA ASP A 12 1.61 -8.50 -3.16
C ASP A 12 0.12 -8.59 -3.53
N GLY A 13 -0.67 -9.19 -2.70
CA GLY A 13 -2.12 -9.31 -3.00
C GLY A 13 -2.78 -7.92 -2.97
N TYR A 14 -2.07 -6.91 -2.58
CA TYR A 14 -2.67 -5.55 -2.53
C TYR A 14 -1.77 -4.52 -3.21
N THR A 15 -2.24 -3.30 -3.30
CA THR A 15 -1.43 -2.23 -3.93
C THR A 15 -1.36 -1.03 -3.00
N CYS A 16 -0.19 -0.65 -2.56
CA CYS A 16 -0.06 0.51 -1.64
C CYS A 16 -0.09 1.83 -2.42
N CYS A 17 -1.00 2.70 -2.09
CA CYS A 17 -1.07 4.01 -2.80
C CYS A 17 -0.84 5.15 -1.81
N ARG A 18 0.08 6.03 -2.11
CA ARG A 18 0.36 7.15 -1.17
C ARG A 18 -0.65 8.28 -1.40
N LEU A 19 -1.36 8.67 -0.36
CA LEU A 19 -2.37 9.75 -0.51
C LEU A 19 -1.66 11.09 -0.77
N PRO A 20 -2.44 12.08 -1.11
CA PRO A 20 -1.88 13.42 -1.39
C PRO A 20 -1.45 14.11 -0.10
N SER A 21 -1.94 13.67 1.02
CA SER A 21 -1.55 14.30 2.32
C SER A 21 -0.47 13.47 3.00
N GLY A 22 0.36 12.81 2.24
CA GLY A 22 1.44 11.98 2.84
C GLY A 22 0.82 10.79 3.58
N ALA A 23 -0.18 10.17 3.01
CA ALA A 23 -0.83 9.02 3.68
C ALA A 23 -0.62 7.74 2.88
N TRP A 24 -1.25 6.67 3.27
CA TRP A 24 -1.08 5.39 2.52
C TRP A 24 -2.41 4.65 2.40
N GLY A 25 -2.62 3.94 1.34
CA GLY A 25 -3.90 3.20 1.18
C GLY A 25 -3.63 1.85 0.51
N CYS A 26 -3.84 0.77 1.20
CA CYS A 26 -3.59 -0.56 0.59
C CYS A 26 -4.89 -1.10 -0.03
N CYS A 27 -4.97 -1.09 -1.33
CA CYS A 27 -6.20 -1.60 -2.00
C CYS A 27 -5.86 -2.79 -2.90
N PRO A 28 -6.73 -3.78 -2.86
CA PRO A 28 -6.53 -4.99 -3.69
C PRO A 28 -6.78 -4.69 -5.17
N PHE A 29 -6.08 -5.37 -6.04
CA PHE A 29 -6.28 -5.13 -7.50
C PHE A 29 -7.62 -5.71 -7.94
N THR A 30 -8.56 -4.88 -8.29
CA THR A 30 -9.89 -5.39 -8.73
C THR A 30 -10.35 -4.66 -9.98
N GLN A 31 -9.62 -4.79 -11.06
CA GLN A 31 -10.01 -4.10 -12.32
C GLN A 31 -10.63 -5.10 -13.30
N VAL A 1 4.95 -10.42 2.46
CA VAL A 1 4.40 -9.03 2.34
C VAL A 1 5.40 -8.14 1.61
N VAL A 2 4.98 -6.93 1.28
CA VAL A 2 5.91 -6.00 0.57
C VAL A 2 6.08 -4.72 1.37
N HIS A 3 7.04 -4.68 2.26
CA HIS A 3 7.26 -3.46 3.08
C HIS A 3 7.55 -2.25 2.18
N CYS A 4 6.53 -1.63 1.65
CA CYS A 4 6.75 -0.45 0.77
C CYS A 4 7.60 0.59 1.50
N ASP A 5 7.52 0.62 2.80
CA ASP A 5 8.33 1.60 3.59
C ASP A 5 8.71 1.00 4.94
N MET A 6 9.14 1.82 5.87
CA MET A 6 9.52 1.28 7.21
C MET A 6 8.38 1.47 8.21
N GLU A 7 7.19 1.74 7.73
CA GLU A 7 6.04 1.94 8.67
C GLU A 7 4.79 1.21 8.16
N VAL A 8 4.62 1.14 6.86
CA VAL A 8 3.42 0.46 6.30
C VAL A 8 3.84 -0.78 5.50
N ILE A 9 2.92 -1.67 5.24
CA ILE A 9 3.27 -2.89 4.46
C ILE A 9 2.01 -3.49 3.82
N CYS A 10 2.07 -3.84 2.56
CA CYS A 10 0.88 -4.44 1.90
C CYS A 10 1.11 -5.93 1.67
N PRO A 11 0.07 -6.71 1.81
CA PRO A 11 0.18 -8.17 1.60
C PRO A 11 0.17 -8.53 0.12
N ASP A 12 0.79 -7.74 -0.71
CA ASP A 12 0.82 -8.06 -2.17
C ASP A 12 -0.58 -7.95 -2.78
N GLY A 13 -1.52 -8.68 -2.25
CA GLY A 13 -2.91 -8.63 -2.80
C GLY A 13 -3.29 -7.20 -3.15
N TYR A 14 -2.77 -6.25 -2.41
CA TYR A 14 -3.10 -4.82 -2.70
C TYR A 14 -1.94 -4.14 -3.42
N THR A 15 -2.14 -2.93 -3.86
CA THR A 15 -1.04 -2.20 -4.56
C THR A 15 -0.62 -0.98 -3.75
N CYS A 16 0.64 -0.85 -3.46
CA CYS A 16 1.12 0.31 -2.66
C CYS A 16 0.57 1.61 -3.26
N CYS A 17 -0.08 2.42 -2.46
CA CYS A 17 -0.63 3.70 -2.98
C CYS A 17 -0.58 4.78 -1.90
N ARG A 18 -0.29 5.99 -2.27
CA ARG A 18 -0.21 7.09 -1.27
C ARG A 18 -1.53 7.86 -1.23
N LEU A 19 -1.96 8.27 -0.07
CA LEU A 19 -3.23 9.04 0.04
C LEU A 19 -3.02 10.49 -0.42
N PRO A 20 -4.10 11.13 -0.75
CA PRO A 20 -4.03 12.54 -1.22
C PRO A 20 -3.73 13.49 -0.04
N SER A 21 -3.70 12.97 1.16
CA SER A 21 -3.40 13.84 2.33
C SER A 21 -1.99 13.53 2.87
N GLY A 22 -1.10 13.11 2.02
CA GLY A 22 0.28 12.79 2.49
C GLY A 22 0.24 11.56 3.39
N ALA A 23 -0.07 10.41 2.84
CA ALA A 23 -0.12 9.18 3.67
C ALA A 23 0.11 7.94 2.78
N TRP A 24 0.20 6.79 3.39
CA TRP A 24 0.42 5.55 2.58
C TRP A 24 -0.69 4.54 2.85
N GLY A 25 -1.04 3.76 1.87
CA GLY A 25 -2.11 2.73 2.07
C GLY A 25 -2.09 1.73 0.91
N CYS A 26 -2.59 0.55 1.13
CA CYS A 26 -2.60 -0.48 0.04
C CYS A 26 -3.98 -0.51 -0.61
N CYS A 27 -4.04 -0.37 -1.91
CA CYS A 27 -5.36 -0.38 -2.60
C CYS A 27 -5.51 -1.67 -3.42
N PRO A 28 -6.61 -2.35 -3.23
CA PRO A 28 -6.87 -3.60 -3.97
C PRO A 28 -7.21 -3.28 -5.44
N PHE A 29 -6.99 -4.21 -6.32
CA PHE A 29 -7.29 -3.93 -7.76
C PHE A 29 -7.74 -5.21 -8.47
N THR A 30 -7.04 -6.30 -8.27
CA THR A 30 -7.44 -7.57 -8.95
C THR A 30 -7.31 -8.76 -8.00
N GLN A 31 -7.90 -8.67 -6.84
CA GLN A 31 -7.81 -9.80 -5.86
C GLN A 31 -8.05 -11.13 -6.58
N VAL A 1 5.47 -11.11 3.08
CA VAL A 1 4.80 -9.80 2.84
C VAL A 1 5.70 -8.90 1.99
N VAL A 2 5.14 -7.93 1.34
CA VAL A 2 5.96 -7.02 0.50
C VAL A 2 6.11 -5.65 1.19
N HIS A 3 7.25 -5.40 1.76
CA HIS A 3 7.46 -4.08 2.44
C HIS A 3 6.91 -2.94 1.59
N CYS A 4 5.96 -2.22 2.09
CA CYS A 4 5.39 -1.08 1.31
C CYS A 4 6.32 0.14 1.43
N ASP A 5 6.89 0.34 2.59
CA ASP A 5 7.79 1.51 2.77
C ASP A 5 8.54 1.39 4.11
N MET A 6 7.89 1.75 5.19
CA MET A 6 8.57 1.67 6.52
C MET A 6 7.56 1.32 7.61
N GLU A 7 6.49 2.06 7.72
CA GLU A 7 5.49 1.76 8.78
C GLU A 7 4.27 1.06 8.15
N VAL A 8 4.39 0.62 6.94
CA VAL A 8 3.25 -0.08 6.27
C VAL A 8 3.75 -1.30 5.50
N ILE A 9 3.01 -2.37 5.54
CA ILE A 9 3.44 -3.60 4.80
C ILE A 9 2.22 -4.34 4.24
N CYS A 10 2.21 -4.65 2.98
CA CYS A 10 1.04 -5.37 2.39
C CYS A 10 1.48 -6.72 1.83
N PRO A 11 0.55 -7.63 1.77
CA PRO A 11 0.82 -8.99 1.26
C PRO A 11 0.88 -9.01 -0.28
N ASP A 12 1.53 -8.04 -0.88
CA ASP A 12 1.63 -8.01 -2.37
C ASP A 12 0.25 -7.83 -3.02
N GLY A 13 -0.65 -8.73 -2.76
CA GLY A 13 -2.01 -8.63 -3.37
C GLY A 13 -2.50 -7.18 -3.35
N TYR A 14 -2.02 -6.39 -2.43
CA TYR A 14 -2.48 -4.96 -2.37
C TYR A 14 -1.43 -4.03 -2.99
N THR A 15 -1.87 -2.91 -3.48
CA THR A 15 -0.91 -1.94 -4.10
C THR A 15 -0.64 -0.79 -3.12
N CYS A 16 0.55 -0.26 -3.13
CA CYS A 16 0.88 0.86 -2.19
C CYS A 16 0.69 2.21 -2.89
N CYS A 17 -0.15 3.04 -2.33
CA CYS A 17 -0.38 4.39 -2.94
C CYS A 17 -0.49 5.43 -1.83
N ARG A 18 0.01 6.62 -2.07
CA ARG A 18 -0.06 7.67 -1.02
C ARG A 18 -1.32 8.52 -1.18
N LEU A 19 -2.02 8.78 -0.11
CA LEU A 19 -3.26 9.59 -0.19
C LEU A 19 -2.93 11.02 -0.65
N PRO A 20 -3.97 11.77 -0.91
CA PRO A 20 -3.81 13.17 -1.36
C PRO A 20 -3.44 14.07 -0.19
N SER A 21 -3.29 13.52 0.98
CA SER A 21 -2.94 14.36 2.17
C SER A 21 -1.58 13.94 2.74
N GLY A 22 -0.71 13.45 1.91
CA GLY A 22 0.64 13.02 2.40
C GLY A 22 0.48 11.84 3.36
N ALA A 23 -0.10 10.76 2.90
CA ALA A 23 -0.28 9.57 3.78
C ALA A 23 -0.14 8.29 2.95
N TRP A 24 -0.03 7.16 3.59
CA TRP A 24 0.10 5.88 2.83
C TRP A 24 -1.21 5.11 2.87
N GLY A 25 -1.51 4.38 1.84
CA GLY A 25 -2.78 3.59 1.81
C GLY A 25 -2.63 2.39 0.87
N CYS A 26 -3.04 1.24 1.30
CA CYS A 26 -2.92 0.02 0.44
C CYS A 26 -4.28 -0.30 -0.18
N CYS A 27 -4.32 -0.48 -1.47
CA CYS A 27 -5.62 -0.80 -2.12
C CYS A 27 -5.50 -2.09 -2.94
N PRO A 28 -6.46 -2.96 -2.76
CA PRO A 28 -6.47 -4.25 -3.50
C PRO A 28 -6.86 -4.03 -4.96
N PHE A 29 -6.37 -4.84 -5.85
CA PHE A 29 -6.73 -4.68 -7.29
C PHE A 29 -7.09 -6.03 -7.91
N THR A 30 -8.07 -6.06 -8.76
CA THR A 30 -8.47 -7.36 -9.39
C THR A 30 -7.67 -7.56 -10.69
N GLN A 31 -7.54 -8.78 -11.14
CA GLN A 31 -6.78 -9.04 -12.39
C GLN A 31 -7.13 -10.42 -12.94
N VAL A 1 7.11 -10.57 2.19
CA VAL A 1 6.16 -9.41 2.13
C VAL A 1 6.59 -8.44 1.02
N VAL A 2 5.81 -7.42 0.78
CA VAL A 2 6.17 -6.43 -0.28
C VAL A 2 6.66 -5.13 0.37
N HIS A 3 6.24 -4.87 1.57
CA HIS A 3 6.67 -3.62 2.26
C HIS A 3 6.33 -2.39 1.40
N CYS A 4 5.19 -1.80 1.64
CA CYS A 4 4.81 -0.60 0.84
C CYS A 4 5.83 0.53 1.07
N ASP A 5 6.32 0.65 2.27
CA ASP A 5 7.32 1.72 2.56
C ASP A 5 8.05 1.43 3.87
N MET A 6 8.53 2.45 4.52
CA MET A 6 9.26 2.23 5.81
C MET A 6 8.27 2.04 6.97
N GLU A 7 7.04 2.41 6.77
CA GLU A 7 6.03 2.25 7.87
C GLU A 7 4.73 1.66 7.33
N VAL A 8 4.79 0.96 6.21
CA VAL A 8 3.55 0.36 5.65
C VAL A 8 3.87 -1.01 5.04
N ILE A 9 2.91 -1.90 5.06
CA ILE A 9 3.15 -3.25 4.49
C ILE A 9 1.82 -3.96 4.23
N CYS A 10 1.72 -4.72 3.18
CA CYS A 10 0.45 -5.44 2.89
C CYS A 10 0.69 -6.95 2.84
N PRO A 11 -0.39 -7.68 2.82
CA PRO A 11 -0.30 -9.16 2.78
C PRO A 11 -0.03 -9.67 1.36
N ASP A 12 0.81 -8.99 0.61
CA ASP A 12 1.12 -9.44 -0.76
C ASP A 12 -0.12 -9.31 -1.65
N GLY A 13 0.07 -8.86 -2.85
CA GLY A 13 -1.09 -8.71 -3.79
C GLY A 13 -1.81 -7.38 -3.51
N TYR A 14 -1.07 -6.33 -3.31
CA TYR A 14 -1.72 -5.01 -3.04
C TYR A 14 -0.84 -3.86 -3.53
N THR A 15 -1.44 -2.75 -3.89
CA THR A 15 -0.64 -1.60 -4.38
C THR A 15 -0.57 -0.51 -3.30
N CYS A 16 0.53 0.20 -3.24
CA CYS A 16 0.66 1.27 -2.21
C CYS A 16 0.32 2.64 -2.82
N CYS A 17 -0.73 3.27 -2.35
CA CYS A 17 -1.10 4.59 -2.90
C CYS A 17 -0.87 5.69 -1.85
N ARG A 18 -0.15 6.71 -2.19
CA ARG A 18 0.11 7.80 -1.20
C ARG A 18 -1.03 8.82 -1.23
N LEU A 19 -1.63 9.07 -0.09
CA LEU A 19 -2.75 10.05 -0.04
C LEU A 19 -2.21 11.47 -0.21
N PRO A 20 -3.09 12.38 -0.56
CA PRO A 20 -2.69 13.79 -0.76
C PRO A 20 -2.45 14.48 0.59
N SER A 21 -2.71 13.79 1.67
CA SER A 21 -2.49 14.41 3.01
C SER A 21 -1.32 13.71 3.73
N GLY A 22 -0.37 13.23 2.98
CA GLY A 22 0.80 12.54 3.62
C GLY A 22 0.32 11.24 4.28
N ALA A 23 -0.07 10.28 3.48
CA ALA A 23 -0.54 8.98 4.05
C ALA A 23 -0.35 7.86 3.03
N TRP A 24 -0.72 6.66 3.39
CA TRP A 24 -0.57 5.52 2.45
C TRP A 24 -1.85 4.66 2.44
N GLY A 25 -2.17 4.08 1.32
CA GLY A 25 -3.40 3.24 1.24
C GLY A 25 -3.10 1.98 0.43
N CYS A 26 -3.49 0.84 0.92
CA CYS A 26 -3.22 -0.42 0.17
C CYS A 26 -4.45 -0.83 -0.65
N CYS A 27 -4.35 -0.77 -1.95
CA CYS A 27 -5.51 -1.16 -2.80
C CYS A 27 -5.27 -2.53 -3.43
N PRO A 28 -6.33 -3.28 -3.57
CA PRO A 28 -6.23 -4.64 -4.16
C PRO A 28 -5.95 -4.56 -5.67
N PHE A 29 -5.25 -5.51 -6.21
CA PHE A 29 -4.95 -5.48 -7.67
C PHE A 29 -4.73 -6.91 -8.20
N THR A 30 -5.22 -7.89 -7.49
CA THR A 30 -5.04 -9.30 -7.97
C THR A 30 -6.34 -9.83 -8.57
N GLN A 31 -7.13 -8.97 -9.16
CA GLN A 31 -8.41 -9.43 -9.77
C GLN A 31 -8.13 -10.14 -11.11
N VAL A 1 2.92 -10.99 4.61
CA VAL A 1 2.67 -9.59 4.15
C VAL A 1 3.93 -9.03 3.48
N VAL A 2 3.77 -8.05 2.63
CA VAL A 2 4.95 -7.44 1.95
C VAL A 2 5.24 -6.06 2.51
N HIS A 3 6.50 -5.68 2.56
CA HIS A 3 6.84 -4.33 3.10
C HIS A 3 6.40 -3.24 2.11
N CYS A 4 5.14 -2.89 2.14
CA CYS A 4 4.64 -1.85 1.21
C CYS A 4 5.65 -0.70 1.08
N ASP A 5 6.07 -0.14 2.19
CA ASP A 5 7.04 0.98 2.13
C ASP A 5 7.99 0.91 3.33
N MET A 6 8.44 2.05 3.80
CA MET A 6 9.37 2.05 4.97
C MET A 6 8.60 1.82 6.28
N GLU A 7 7.39 2.30 6.36
CA GLU A 7 6.60 2.09 7.61
C GLU A 7 5.24 1.47 7.29
N VAL A 8 5.11 0.86 6.15
CA VAL A 8 3.81 0.23 5.79
C VAL A 8 4.02 -1.24 5.41
N ILE A 9 3.03 -2.07 5.58
CA ILE A 9 3.20 -3.51 5.24
C ILE A 9 1.89 -4.10 4.72
N CYS A 10 1.79 -4.34 3.44
CA CYS A 10 0.55 -4.92 2.86
C CYS A 10 0.88 -6.24 2.16
N PRO A 11 -0.13 -7.04 1.95
CA PRO A 11 0.07 -8.35 1.29
C PRO A 11 0.35 -8.17 -0.21
N ASP A 12 1.02 -9.12 -0.81
CA ASP A 12 1.37 -9.02 -2.25
C ASP A 12 0.14 -8.64 -3.09
N GLY A 13 -1.04 -8.83 -2.58
CA GLY A 13 -2.25 -8.48 -3.37
C GLY A 13 -2.60 -7.01 -3.14
N TYR A 14 -1.62 -6.17 -2.94
CA TYR A 14 -1.90 -4.73 -2.70
C TYR A 14 -0.87 -3.84 -3.40
N THR A 15 -1.18 -2.60 -3.59
CA THR A 15 -0.22 -1.66 -4.24
C THR A 15 -0.07 -0.41 -3.38
N CYS A 16 1.13 -0.14 -2.90
CA CYS A 16 1.34 1.05 -2.04
C CYS A 16 0.86 2.32 -2.74
N CYS A 17 0.07 3.11 -2.05
CA CYS A 17 -0.43 4.38 -2.66
C CYS A 17 -0.50 5.47 -1.59
N ARG A 18 0.01 6.63 -1.87
CA ARG A 18 -0.02 7.73 -0.87
C ARG A 18 -1.39 8.43 -0.90
N LEU A 19 -1.98 8.63 0.24
CA LEU A 19 -3.31 9.30 0.27
C LEU A 19 -3.19 10.73 -0.26
N PRO A 20 -4.32 11.31 -0.55
CA PRO A 20 -4.36 12.70 -1.09
C PRO A 20 -4.21 13.72 0.05
N SER A 21 -3.33 13.46 0.99
CA SER A 21 -3.15 14.42 2.12
C SER A 21 -1.89 14.08 2.92
N GLY A 22 -0.90 13.51 2.29
CA GLY A 22 0.34 13.15 3.02
C GLY A 22 0.09 11.91 3.89
N ALA A 23 -0.25 10.81 3.28
CA ALA A 23 -0.50 9.57 4.06
C ALA A 23 -0.18 8.33 3.21
N TRP A 24 -0.18 7.17 3.81
CA TRP A 24 0.12 5.94 3.03
C TRP A 24 -1.08 5.00 3.01
N GLY A 25 -1.25 4.25 1.96
CA GLY A 25 -2.40 3.32 1.87
C GLY A 25 -2.23 2.42 0.65
N CYS A 26 -2.23 1.13 0.83
CA CYS A 26 -2.06 0.22 -0.33
C CYS A 26 -3.42 -0.28 -0.82
N CYS A 27 -3.68 -0.19 -2.09
CA CYS A 27 -4.99 -0.66 -2.62
C CYS A 27 -4.84 -2.05 -3.24
N PRO A 28 -5.89 -2.81 -3.19
CA PRO A 28 -5.86 -4.18 -3.75
C PRO A 28 -5.76 -4.13 -5.28
N PHE A 29 -5.07 -5.08 -5.86
CA PHE A 29 -4.93 -5.09 -7.35
C PHE A 29 -6.10 -5.86 -7.98
N THR A 30 -6.87 -5.20 -8.80
CA THR A 30 -8.02 -5.90 -9.45
C THR A 30 -8.19 -5.41 -10.88
N GLN A 31 -7.10 -5.17 -11.57
CA GLN A 31 -7.21 -4.69 -12.98
C GLN A 31 -7.08 -5.88 -13.94
N VAL A 1 6.00 -10.89 2.23
CA VAL A 1 5.26 -9.60 2.29
C VAL A 1 5.89 -8.59 1.32
N VAL A 2 5.31 -7.42 1.21
CA VAL A 2 5.87 -6.40 0.28
C VAL A 2 5.90 -5.02 0.98
N HIS A 3 6.89 -4.79 1.80
CA HIS A 3 6.98 -3.50 2.52
C HIS A 3 6.70 -2.33 1.56
N CYS A 4 5.60 -1.64 1.76
CA CYS A 4 5.27 -0.50 0.87
C CYS A 4 6.19 0.69 1.19
N ASP A 5 6.71 0.73 2.38
CA ASP A 5 7.61 1.85 2.77
C ASP A 5 8.45 1.43 3.98
N MET A 6 8.57 2.27 4.96
CA MET A 6 9.38 1.90 6.16
C MET A 6 8.58 0.99 7.09
N GLU A 7 7.32 1.28 7.29
CA GLU A 7 6.48 0.43 8.18
C GLU A 7 5.27 -0.10 7.40
N VAL A 8 4.44 0.78 6.91
CA VAL A 8 3.24 0.33 6.16
C VAL A 8 3.61 -0.81 5.20
N ILE A 9 2.91 -1.92 5.29
CA ILE A 9 3.22 -3.06 4.39
C ILE A 9 1.95 -3.90 4.15
N CYS A 10 1.80 -4.44 2.98
CA CYS A 10 0.58 -5.26 2.69
C CYS A 10 0.95 -6.75 2.59
N PRO A 11 -0.05 -7.58 2.74
CA PRO A 11 0.15 -9.04 2.68
C PRO A 11 0.26 -9.51 1.22
N ASP A 12 0.97 -8.80 0.39
CA ASP A 12 1.10 -9.22 -1.03
C ASP A 12 -0.27 -9.20 -1.72
N GLY A 13 -0.30 -8.71 -2.91
CA GLY A 13 -1.59 -8.65 -3.66
C GLY A 13 -2.17 -7.24 -3.58
N TYR A 14 -1.47 -6.33 -2.96
CA TYR A 14 -1.99 -4.94 -2.86
C TYR A 14 -0.97 -3.95 -3.43
N THR A 15 -1.38 -2.73 -3.67
CA THR A 15 -0.43 -1.72 -4.22
C THR A 15 -0.24 -0.58 -3.22
N CYS A 16 0.95 -0.06 -3.14
CA CYS A 16 1.23 1.05 -2.17
C CYS A 16 0.69 2.37 -2.74
N CYS A 17 -0.46 2.81 -2.28
CA CYS A 17 -1.02 4.08 -2.80
C CYS A 17 -0.94 5.16 -1.71
N ARG A 18 -0.48 6.33 -2.06
CA ARG A 18 -0.38 7.42 -1.06
C ARG A 18 -1.63 8.30 -1.10
N LEU A 19 -2.06 8.80 0.03
CA LEU A 19 -3.27 9.67 0.04
C LEU A 19 -2.91 11.09 -0.39
N PRO A 20 -3.93 11.86 -0.68
CA PRO A 20 -3.73 13.26 -1.12
C PRO A 20 -3.32 14.15 0.05
N SER A 21 -3.20 13.58 1.22
CA SER A 21 -2.81 14.40 2.41
C SER A 21 -1.49 13.89 2.99
N GLY A 22 -0.61 13.39 2.15
CA GLY A 22 0.69 12.89 2.65
C GLY A 22 0.45 11.66 3.53
N ALA A 23 -0.43 10.79 3.13
CA ALA A 23 -0.73 9.58 3.95
C ALA A 23 -0.43 8.31 3.14
N TRP A 24 -0.67 7.16 3.73
CA TRP A 24 -0.41 5.89 2.99
C TRP A 24 -1.66 5.00 3.02
N GLY A 25 -1.85 4.21 2.00
CA GLY A 25 -3.04 3.32 1.97
C GLY A 25 -2.81 2.19 0.95
N CYS A 26 -3.30 1.01 1.23
CA CYS A 26 -3.10 -0.12 0.29
C CYS A 26 -4.31 -0.25 -0.64
N CYS A 27 -4.08 -0.38 -1.92
CA CYS A 27 -5.22 -0.50 -2.88
C CYS A 27 -5.12 -1.82 -3.66
N PRO A 28 -6.26 -2.39 -3.94
CA PRO A 28 -6.30 -3.66 -4.69
C PRO A 28 -5.95 -3.43 -6.16
N PHE A 29 -5.40 -4.40 -6.83
CA PHE A 29 -5.04 -4.22 -8.27
C PHE A 29 -4.92 -5.57 -8.96
N THR A 30 -5.92 -6.39 -8.86
CA THR A 30 -5.87 -7.73 -9.52
C THR A 30 -6.90 -7.81 -10.65
N GLN A 31 -7.19 -6.70 -11.27
CA GLN A 31 -8.19 -6.71 -12.37
C GLN A 31 -7.74 -7.63 -13.50
N VAL A 1 7.64 -9.25 2.78
CA VAL A 1 6.46 -8.38 2.56
C VAL A 1 6.78 -7.26 1.58
N VAL A 2 5.80 -6.51 1.16
CA VAL A 2 6.06 -5.39 0.22
C VAL A 2 6.00 -4.06 0.95
N HIS A 3 6.80 -3.91 1.98
CA HIS A 3 6.81 -2.64 2.75
C HIS A 3 6.88 -1.43 1.81
N CYS A 4 5.99 -0.50 1.99
CA CYS A 4 6.00 0.71 1.10
C CYS A 4 7.04 1.70 1.63
N ASP A 5 7.20 1.76 2.92
CA ASP A 5 8.21 2.70 3.51
C ASP A 5 8.82 2.10 4.77
N MET A 6 8.01 1.83 5.76
CA MET A 6 8.54 1.22 7.02
C MET A 6 7.38 0.91 7.98
N GLU A 7 6.38 1.75 7.98
CA GLU A 7 5.22 1.51 8.89
C GLU A 7 4.01 1.05 8.06
N VAL A 8 3.69 1.75 7.02
CA VAL A 8 2.53 1.34 6.17
C VAL A 8 2.97 0.33 5.12
N ILE A 9 2.66 -0.92 5.32
CA ILE A 9 3.08 -1.96 4.33
C ILE A 9 1.85 -2.73 3.82
N CYS A 10 1.97 -3.35 2.68
CA CYS A 10 0.81 -4.13 2.13
C CYS A 10 1.20 -5.60 1.97
N PRO A 11 0.21 -6.44 1.96
CA PRO A 11 0.46 -7.90 1.81
C PRO A 11 0.62 -8.28 0.34
N ASP A 12 1.17 -7.41 -0.46
CA ASP A 12 1.38 -7.73 -1.91
C ASP A 12 0.04 -7.86 -2.64
N GLY A 13 -0.82 -8.74 -2.18
CA GLY A 13 -2.13 -8.93 -2.85
C GLY A 13 -2.75 -7.57 -3.21
N TYR A 14 -2.36 -6.52 -2.51
CA TYR A 14 -2.95 -5.19 -2.82
C TYR A 14 -1.88 -4.25 -3.41
N THR A 15 -2.30 -3.09 -3.84
CA THR A 15 -1.33 -2.10 -4.40
C THR A 15 -1.14 -0.97 -3.40
N CYS A 16 0.08 -0.56 -3.16
CA CYS A 16 0.31 0.53 -2.17
C CYS A 16 0.24 1.91 -2.83
N CYS A 17 -0.85 2.61 -2.61
CA CYS A 17 -0.98 3.96 -3.21
C CYS A 17 -0.83 5.01 -2.10
N ARG A 18 -0.14 6.09 -2.37
CA ARG A 18 0.04 7.13 -1.31
C ARG A 18 -1.22 7.98 -1.16
N LEU A 19 -1.60 8.27 0.06
CA LEU A 19 -2.82 9.09 0.29
C LEU A 19 -2.52 10.56 -0.06
N PRO A 20 -3.54 11.37 0.07
CA PRO A 20 -3.39 12.83 -0.23
C PRO A 20 -2.57 13.51 0.88
N SER A 21 -2.34 12.84 1.98
CA SER A 21 -1.55 13.46 3.07
C SER A 21 -0.17 12.80 3.17
N GLY A 22 0.33 12.30 2.07
CA GLY A 22 1.67 11.65 2.10
C GLY A 22 1.58 10.29 2.79
N ALA A 23 0.38 9.82 3.01
CA ALA A 23 0.22 8.49 3.67
C ALA A 23 0.29 7.37 2.64
N TRP A 24 0.02 6.16 3.05
CA TRP A 24 0.06 5.01 2.09
C TRP A 24 -1.13 4.09 2.34
N GLY A 25 -1.63 3.47 1.30
CA GLY A 25 -2.80 2.56 1.49
C GLY A 25 -2.68 1.37 0.53
N CYS A 26 -3.24 0.25 0.90
CA CYS A 26 -3.15 -0.95 0.02
C CYS A 26 -4.51 -1.24 -0.61
N CYS A 27 -4.66 -0.98 -1.88
CA CYS A 27 -5.97 -1.24 -2.55
C CYS A 27 -5.90 -2.58 -3.30
N PRO A 28 -6.92 -3.37 -3.12
CA PRO A 28 -6.97 -4.70 -3.80
C PRO A 28 -7.24 -4.53 -5.29
N PHE A 29 -6.75 -5.43 -6.09
CA PHE A 29 -6.98 -5.34 -7.56
C PHE A 29 -7.77 -6.55 -8.04
N THR A 30 -9.05 -6.41 -8.23
CA THR A 30 -9.89 -7.54 -8.70
C THR A 30 -11.00 -7.04 -9.63
N GLN A 31 -10.81 -7.18 -10.91
CA GLN A 31 -11.85 -6.70 -11.88
C GLN A 31 -12.62 -7.90 -12.46
#